data_7U71
#
_entry.id   7U71
#
_cell.length_a   27.898
_cell.length_b   44.047
_cell.length_c   133.954
_cell.angle_alpha   90.000
_cell.angle_beta   94.586
_cell.angle_gamma   90.000
#
_symmetry.space_group_name_H-M   'P 1 21 1'
#
loop_
_entity.id
_entity.type
_entity.pdbx_description
1 polymer Cadherin-23
2 non-polymer 'CALCIUM ION'
3 non-polymer 'ACETATE ION'
4 water water
#
_entity_poly.entity_id   1
_entity_poly.type   'polypeptide(L)'
_entity_poly.pdbx_seq_one_letter_code
;MDEAVQFSNASYEAVIMENLALGTEIVRVQAYSIDNLNQITYRFDAYTSAQAKALFKIDAITGVITVKGLVDREKGDFYT
LTVVADDGGPKVDSTVKVYITVLDENDNSPRFDFTSDSAISVPEDCPVGQRVATVKARDPDAGSNGQVVFSLASGNIAGA
FEIITSNDSIGEVFVAKPLDREELDHYILKVVASDRGTPPRKKDHILQVTILDVNDNPPVIESPFGYNVSVNENVGGGTS
VVQVRATDRDIGINSVLSYYITEGNEDMTFRMDRISGEIATRPAPPDRERQNFYHLVVTVEDEGTPTLSATTHVYVTIVD
ENLEHHHHHH
;
_entity_poly.pdbx_strand_id   AAA
#
# COMPACT_ATOMS: atom_id res chain seq x y z
N VAL A 5 -31.92 -54.33 -8.14
CA VAL A 5 -31.92 -54.27 -6.65
C VAL A 5 -30.47 -54.20 -6.16
N GLN A 6 -29.49 -54.59 -6.98
CA GLN A 6 -28.05 -54.43 -6.62
C GLN A 6 -27.34 -53.53 -7.63
N PHE A 7 -26.35 -52.79 -7.14
CA PHE A 7 -25.56 -51.79 -7.91
C PHE A 7 -24.22 -52.42 -8.32
N SER A 8 -23.65 -52.01 -9.45
CA SER A 8 -22.29 -52.41 -9.92
C SER A 8 -21.22 -52.15 -8.87
N ASN A 9 -21.47 -51.30 -7.86
CA ASN A 9 -20.47 -50.91 -6.82
C ASN A 9 -21.17 -50.51 -5.52
N ALA A 10 -20.46 -50.61 -4.40
CA ALA A 10 -20.98 -50.26 -3.07
C ALA A 10 -21.29 -48.75 -2.99
N SER A 11 -20.50 -47.96 -3.71
CA SER A 11 -20.70 -46.51 -3.87
C SER A 11 -19.96 -46.08 -5.13
N TYR A 12 -20.18 -44.85 -5.57
CA TYR A 12 -19.49 -44.29 -6.76
C TYR A 12 -18.75 -43.04 -6.28
N GLU A 13 -17.64 -42.73 -6.91
CA GLU A 13 -16.77 -41.59 -6.53
C GLU A 13 -16.38 -40.90 -7.82
N ALA A 14 -16.32 -39.58 -7.82
CA ALA A 14 -15.69 -38.86 -8.93
C ALA A 14 -14.98 -37.61 -8.42
N VAL A 15 -13.84 -37.27 -9.05
CA VAL A 15 -13.05 -36.05 -8.76
C VAL A 15 -13.14 -35.17 -10.00
N ILE A 16 -13.70 -33.97 -9.88
CA ILE A 16 -13.88 -33.05 -11.04
C ILE A 16 -13.26 -31.68 -10.77
N MET A 17 -12.80 -31.04 -11.84
CA MET A 17 -12.29 -29.66 -11.79
C MET A 17 -13.50 -28.72 -11.75
N GLU A 18 -13.45 -27.67 -10.95
CA GLU A 18 -14.51 -26.63 -11.02
C GLU A 18 -14.56 -26.06 -12.45
N ASN A 19 -15.72 -25.52 -12.83
CA ASN A 19 -15.95 -24.80 -14.11
C ASN A 19 -15.93 -25.81 -15.28
N LEU A 20 -16.03 -27.10 -14.98
CA LEU A 20 -16.08 -28.15 -16.02
C LEU A 20 -17.28 -27.90 -16.96
N ALA A 21 -17.14 -28.17 -18.26
CA ALA A 21 -18.18 -27.83 -19.27
C ALA A 21 -19.49 -28.58 -18.96
N LEU A 22 -20.63 -27.93 -19.14
CA LEU A 22 -21.97 -28.56 -19.07
C LEU A 22 -22.03 -29.76 -20.01
N GLY A 23 -22.70 -30.82 -19.57
CA GLY A 23 -22.81 -32.06 -20.36
C GLY A 23 -21.69 -33.04 -20.09
N THR A 24 -20.59 -32.66 -19.40
CA THR A 24 -19.50 -33.61 -19.06
C THR A 24 -20.09 -34.78 -18.25
N GLU A 25 -19.79 -36.02 -18.68
CA GLU A 25 -20.19 -37.28 -18.02
C GLU A 25 -19.22 -37.49 -16.86
N ILE A 26 -19.72 -37.68 -15.64
CA ILE A 26 -18.80 -37.75 -14.46
CA ILE A 26 -18.98 -37.71 -14.33
C ILE A 26 -18.85 -39.16 -13.90
N VAL A 27 -19.98 -39.85 -13.87
CA VAL A 27 -19.99 -41.27 -13.44
C VAL A 27 -21.25 -41.94 -13.95
N ARG A 28 -21.23 -43.26 -14.06
CA ARG A 28 -22.41 -44.05 -14.51
C ARG A 28 -22.81 -45.04 -13.41
N VAL A 29 -24.01 -44.86 -12.87
CA VAL A 29 -24.59 -45.79 -11.87
C VAL A 29 -25.24 -46.91 -12.69
N GLN A 30 -25.06 -48.15 -12.26
CA GLN A 30 -25.64 -49.34 -12.92
C GLN A 30 -26.16 -50.23 -11.80
N ALA A 31 -27.44 -50.59 -11.92
CA ALA A 31 -28.15 -51.52 -11.03
C ALA A 31 -28.75 -52.63 -11.90
N TYR A 32 -29.00 -53.80 -11.32
CA TYR A 32 -29.61 -54.95 -12.06
C TYR A 32 -30.68 -55.63 -11.19
N SER A 33 -31.68 -56.27 -11.84
CA SER A 33 -32.71 -57.17 -11.23
C SER A 33 -32.05 -58.27 -10.40
N ASN A 38 -37.64 -56.58 -16.11
CA ASN A 38 -37.95 -55.34 -15.34
C ASN A 38 -37.00 -54.22 -15.74
N GLN A 39 -37.55 -53.15 -16.30
CA GLN A 39 -36.78 -51.92 -16.65
C GLN A 39 -36.37 -51.25 -15.33
N ILE A 40 -35.13 -50.75 -15.27
CA ILE A 40 -34.61 -49.95 -14.13
C ILE A 40 -34.61 -48.49 -14.58
N THR A 41 -35.07 -47.58 -13.72
CA THR A 41 -34.93 -46.14 -13.95
C THR A 41 -34.17 -45.55 -12.76
N TYR A 42 -33.39 -44.50 -13.03
CA TYR A 42 -32.48 -43.87 -12.04
C TYR A 42 -33.01 -42.47 -11.79
N ARG A 43 -32.95 -42.04 -10.53
CA ARG A 43 -33.21 -40.61 -10.24
C ARG A 43 -32.52 -40.26 -8.94
N PHE A 44 -32.39 -38.98 -8.64
CA PHE A 44 -31.86 -38.59 -7.32
C PHE A 44 -32.98 -38.81 -6.33
N ASP A 45 -32.63 -39.15 -5.10
CA ASP A 45 -33.63 -39.30 -4.02
C ASP A 45 -34.09 -37.90 -3.61
N ALA A 46 -35.15 -37.85 -2.81
CA ALA A 46 -35.83 -36.62 -2.36
C ALA A 46 -34.92 -35.82 -1.45
N TYR A 47 -33.99 -36.48 -0.74
CA TYR A 47 -33.17 -35.83 0.31
C TYR A 47 -31.95 -35.16 -0.31
N THR A 48 -31.44 -35.62 -1.46
CA THR A 48 -30.31 -34.96 -2.15
C THR A 48 -30.59 -33.45 -2.20
N SER A 49 -29.62 -32.61 -1.84
CA SER A 49 -29.75 -31.14 -1.70
C SER A 49 -30.19 -30.50 -3.02
N ALA A 50 -30.94 -29.39 -2.90
CA ALA A 50 -31.30 -28.50 -4.01
C ALA A 50 -30.04 -28.03 -4.71
N GLN A 51 -28.99 -27.69 -3.94
CA GLN A 51 -27.71 -27.17 -4.49
C GLN A 51 -27.14 -28.23 -5.44
N ALA A 52 -27.04 -29.47 -4.98
CA ALA A 52 -26.54 -30.61 -5.79
C ALA A 52 -27.44 -30.87 -7.00
N LYS A 53 -28.76 -30.82 -6.86
CA LYS A 53 -29.68 -31.04 -8.00
C LYS A 53 -29.58 -29.92 -9.05
N ALA A 54 -29.15 -28.72 -8.69
CA ALA A 54 -28.90 -27.63 -9.64
C ALA A 54 -27.59 -27.87 -10.42
N LEU A 55 -26.65 -28.64 -9.85
CA LEU A 55 -25.30 -28.77 -10.45
C LEU A 55 -25.19 -30.07 -11.27
N PHE A 56 -25.95 -31.10 -10.95
CA PHE A 56 -25.77 -32.46 -11.53
C PHE A 56 -27.12 -32.99 -11.97
N LYS A 57 -27.10 -33.85 -12.98
CA LYS A 57 -28.31 -34.55 -13.41
C LYS A 57 -28.00 -36.02 -13.73
N ILE A 58 -28.99 -36.90 -13.56
CA ILE A 58 -28.83 -38.34 -13.86
C ILE A 58 -29.85 -38.72 -14.94
N ASP A 59 -29.38 -39.39 -15.98
CA ASP A 59 -30.28 -39.92 -17.03
C ASP A 59 -31.09 -41.10 -16.47
N ALA A 60 -32.42 -41.00 -16.59
CA ALA A 60 -33.42 -42.00 -16.13
C ALA A 60 -33.07 -43.40 -16.65
N ILE A 61 -32.61 -43.50 -17.89
CA ILE A 61 -32.37 -44.82 -18.57
C ILE A 61 -30.94 -45.32 -18.33
N THR A 62 -29.94 -44.47 -18.61
CA THR A 62 -28.52 -44.86 -18.63
C THR A 62 -27.92 -44.85 -17.23
N GLY A 63 -28.40 -43.99 -16.33
CA GLY A 63 -27.74 -43.87 -15.01
C GLY A 63 -26.49 -43.01 -15.08
N VAL A 64 -26.30 -42.33 -16.20
CA VAL A 64 -25.11 -41.45 -16.35
C VAL A 64 -25.39 -40.12 -15.64
N ILE A 65 -24.44 -39.67 -14.82
CA ILE A 65 -24.51 -38.34 -14.13
C ILE A 65 -23.70 -37.37 -14.96
N THR A 66 -24.30 -36.27 -15.40
CA THR A 66 -23.62 -35.18 -16.12
C THR A 66 -23.65 -33.90 -15.30
N VAL A 67 -22.73 -33.01 -15.66
CA VAL A 67 -22.69 -31.60 -15.18
C VAL A 67 -23.88 -30.88 -15.84
N LYS A 68 -24.73 -30.36 -14.99
CA LYS A 68 -25.96 -29.62 -15.33
C LYS A 68 -25.73 -28.14 -15.14
N GLY A 69 -24.95 -27.74 -14.12
CA GLY A 69 -24.80 -26.32 -13.75
C GLY A 69 -23.35 -25.92 -13.58
N LEU A 70 -23.10 -24.72 -13.08
CA LEU A 70 -21.74 -24.15 -12.99
C LEU A 70 -21.16 -24.61 -11.65
N VAL A 71 -20.27 -25.60 -11.68
CA VAL A 71 -19.59 -26.17 -10.48
C VAL A 71 -18.47 -25.18 -10.07
N ASP A 72 -18.64 -24.57 -8.92
CA ASP A 72 -17.79 -23.48 -8.37
C ASP A 72 -17.25 -23.99 -7.03
N ARG A 73 -15.97 -24.33 -6.96
CA ARG A 73 -15.38 -24.84 -5.70
C ARG A 73 -15.56 -23.80 -4.59
N GLU A 74 -15.51 -22.50 -4.92
CA GLU A 74 -15.63 -21.46 -3.87
C GLU A 74 -17.05 -21.48 -3.30
N LYS A 75 -18.01 -22.20 -3.92
CA LYS A 75 -19.38 -22.36 -3.33
C LYS A 75 -19.55 -23.72 -2.66
N GLY A 76 -18.59 -24.65 -2.81
CA GLY A 76 -18.69 -26.02 -2.27
C GLY A 76 -17.71 -26.94 -2.97
N ASP A 77 -17.01 -27.77 -2.21
CA ASP A 77 -15.94 -28.62 -2.79
C ASP A 77 -16.33 -30.09 -2.70
N PHE A 78 -17.55 -30.43 -2.24
CA PHE A 78 -17.91 -31.84 -2.04
C PHE A 78 -19.44 -31.98 -2.09
N TYR A 79 -19.93 -32.97 -2.83
CA TYR A 79 -21.38 -33.26 -2.89
C TYR A 79 -21.58 -34.75 -2.69
N THR A 80 -22.64 -35.06 -1.95
CA THR A 80 -23.18 -36.42 -1.81
C THR A 80 -24.48 -36.48 -2.61
N LEU A 81 -24.54 -37.31 -3.64
CA LEU A 81 -25.80 -37.59 -4.34
C LEU A 81 -26.29 -38.96 -3.87
N THR A 82 -27.58 -39.08 -3.55
CA THR A 82 -28.21 -40.41 -3.35
C THR A 82 -29.06 -40.75 -4.59
N VAL A 83 -28.75 -41.87 -5.22
CA VAL A 83 -29.39 -42.35 -6.47
C VAL A 83 -30.33 -43.50 -6.13
N VAL A 84 -31.57 -43.38 -6.61
CA VAL A 84 -32.61 -44.45 -6.50
C VAL A 84 -32.59 -45.22 -7.82
N ALA A 85 -32.53 -46.54 -7.73
CA ALA A 85 -32.71 -47.47 -8.88
C ALA A 85 -34.11 -48.09 -8.76
N ASP A 86 -35.03 -47.65 -9.58
CA ASP A 86 -36.48 -47.98 -9.47
C ASP A 86 -36.75 -49.09 -10.49
N ASP A 87 -37.06 -50.30 -10.03
CA ASP A 87 -37.46 -51.41 -10.95
C ASP A 87 -38.97 -51.43 -11.18
N GLY A 88 -39.69 -50.39 -10.75
CA GLY A 88 -41.17 -50.30 -10.82
C GLY A 88 -41.85 -51.40 -10.03
N GLY A 89 -41.27 -51.80 -8.88
CA GLY A 89 -41.74 -52.95 -8.06
C GLY A 89 -41.82 -52.60 -6.59
N VAL A 92 -39.49 -50.52 -0.82
CA VAL A 92 -38.54 -49.38 -1.00
C VAL A 92 -37.52 -49.79 -2.06
N ASP A 93 -37.14 -48.87 -2.94
CA ASP A 93 -36.11 -49.11 -3.98
C ASP A 93 -34.72 -48.99 -3.35
N SER A 94 -33.76 -49.75 -3.90
CA SER A 94 -32.32 -49.65 -3.60
C SER A 94 -31.84 -48.21 -3.86
N THR A 95 -30.96 -47.73 -2.98
CA THR A 95 -30.25 -46.45 -3.15
C THR A 95 -28.74 -46.69 -3.01
N VAL A 96 -27.97 -45.80 -3.60
CA VAL A 96 -26.48 -45.84 -3.51
C VAL A 96 -25.99 -44.40 -3.44
N LYS A 97 -24.85 -44.20 -2.80
CA LYS A 97 -24.24 -42.86 -2.63
C LYS A 97 -23.25 -42.61 -3.74
N VAL A 98 -23.26 -41.38 -4.24
CA VAL A 98 -22.26 -40.90 -5.22
C VAL A 98 -21.54 -39.72 -4.57
N TYR A 99 -20.23 -39.80 -4.40
CA TYR A 99 -19.39 -38.78 -3.73
C TYR A 99 -18.58 -37.98 -4.77
N ILE A 100 -18.87 -36.68 -4.89
CA ILE A 100 -18.23 -35.79 -5.90
C ILE A 100 -17.35 -34.79 -5.17
N THR A 101 -16.04 -34.88 -5.42
CA THR A 101 -15.00 -33.92 -4.97
C THR A 101 -14.73 -32.93 -6.09
N VAL A 102 -14.64 -31.67 -5.73
CA VAL A 102 -14.43 -30.56 -6.69
C VAL A 102 -13.06 -29.99 -6.45
N LEU A 103 -12.21 -30.01 -7.47
CA LEU A 103 -10.86 -29.43 -7.34
C LEU A 103 -10.88 -27.93 -7.76
N ASP A 104 -9.85 -27.22 -7.34
CA ASP A 104 -9.68 -25.76 -7.48
C ASP A 104 -9.05 -25.40 -8.82
N GLU A 105 -9.62 -24.44 -9.51
CA GLU A 105 -8.96 -23.61 -10.55
C GLU A 105 -8.51 -22.28 -9.92
N ASN A 106 -7.39 -21.76 -10.36
CA ASN A 106 -6.98 -20.39 -10.00
C ASN A 106 -7.88 -19.42 -10.77
N ASP A 107 -9.16 -19.31 -10.37
CA ASP A 107 -10.12 -18.48 -11.13
C ASP A 107 -10.41 -17.19 -10.39
N ASN A 108 -9.68 -16.85 -9.32
CA ASN A 108 -9.91 -15.58 -8.61
C ASN A 108 -8.57 -14.85 -8.46
N SER A 109 -8.62 -13.51 -8.59
CA SER A 109 -7.49 -12.61 -8.35
C SER A 109 -7.62 -12.11 -6.92
N PRO A 110 -6.50 -11.68 -6.29
CA PRO A 110 -6.61 -10.99 -5.01
C PRO A 110 -7.44 -9.71 -5.17
N ARG A 111 -8.18 -9.38 -4.12
CA ARG A 111 -8.95 -8.14 -4.01
C ARG A 111 -8.47 -7.43 -2.76
N PHE A 112 -8.20 -6.11 -2.86
CA PHE A 112 -7.79 -5.31 -1.66
C PHE A 112 -8.99 -5.06 -0.74
N ASP A 113 -8.84 -5.20 0.57
CA ASP A 113 -9.90 -4.84 1.56
C ASP A 113 -9.89 -3.30 1.69
N PHE A 114 -11.04 -2.72 2.02
CA PHE A 114 -11.20 -1.24 2.09
C PHE A 114 -10.45 -0.66 3.30
N THR A 115 -9.97 -1.51 4.22
CA THR A 115 -9.16 -1.08 5.39
C THR A 115 -7.71 -0.79 4.95
N SER A 116 -7.35 -1.06 3.70
CA SER A 116 -6.01 -0.78 3.12
C SER A 116 -5.75 0.72 3.16
N ASP A 117 -4.56 1.12 3.63
CA ASP A 117 -4.14 2.53 3.50
C ASP A 117 -4.06 2.91 2.02
N SER A 118 -4.47 4.13 1.66
CA SER A 118 -4.37 4.65 0.27
C SER A 118 -3.72 6.04 0.23
N ALA A 119 -3.61 6.75 1.35
CA ALA A 119 -2.90 8.05 1.38
C ALA A 119 -2.38 8.28 2.78
N ILE A 120 -1.05 8.46 2.92
CA ILE A 120 -0.40 8.62 4.24
C ILE A 120 0.48 9.86 4.18
N SER A 121 0.82 10.39 5.36
CA SER A 121 1.74 11.53 5.54
C SER A 121 2.88 11.06 6.42
N VAL A 122 4.10 11.19 5.95
CA VAL A 122 5.28 10.64 6.65
C VAL A 122 6.25 11.79 6.84
N PRO A 123 6.73 12.05 8.07
CA PRO A 123 7.78 13.03 8.26
C PRO A 123 9.10 12.51 7.68
N GLU A 124 9.87 13.42 7.09
CA GLU A 124 11.09 13.05 6.33
C GLU A 124 12.11 12.46 7.31
N ASP A 125 12.01 12.70 8.60
CA ASP A 125 12.94 12.06 9.58
C ASP A 125 12.36 10.76 10.14
N CYS A 126 11.34 10.16 9.55
CA CYS A 126 10.84 8.80 9.91
C CYS A 126 11.98 7.81 9.77
N PRO A 127 12.36 7.15 10.88
CA PRO A 127 13.49 6.22 10.89
C PRO A 127 13.27 5.00 9.99
N VAL A 128 14.37 4.55 9.38
CA VAL A 128 14.43 3.26 8.65
C VAL A 128 13.91 2.15 9.58
N GLY A 129 12.97 1.32 9.10
CA GLY A 129 12.35 0.22 9.86
C GLY A 129 11.00 0.60 10.39
N GLN A 130 10.65 1.90 10.46
CA GLN A 130 9.35 2.26 11.06
C GLN A 130 8.26 1.95 10.03
N ARG A 131 7.12 1.46 10.53
CA ARG A 131 5.98 1.11 9.67
C ARG A 131 5.16 2.36 9.40
N VAL A 132 4.79 2.57 8.16
CA VAL A 132 4.03 3.78 7.78
C VAL A 132 2.67 3.43 7.21
N ALA A 133 2.44 2.21 6.75
CA ALA A 133 1.15 1.82 6.17
C ALA A 133 0.93 0.31 6.27
N THR A 134 -0.32 -0.11 6.22
CA THR A 134 -0.71 -1.51 6.04
C THR A 134 -1.75 -1.61 4.93
N VAL A 135 -1.69 -2.70 4.18
CA VAL A 135 -2.70 -3.07 3.15
C VAL A 135 -3.15 -4.50 3.45
N LYS A 136 -4.35 -4.85 3.02
CA LYS A 136 -4.90 -6.20 3.22
C LYS A 136 -5.58 -6.63 1.93
N ALA A 137 -5.39 -7.89 1.55
CA ALA A 137 -6.01 -8.43 0.35
C ALA A 137 -6.37 -9.88 0.60
N ARG A 138 -7.41 -10.36 -0.09
CA ARG A 138 -7.83 -11.77 0.04
C ARG A 138 -8.07 -12.34 -1.36
N ASP A 139 -7.95 -13.65 -1.42
CA ASP A 139 -8.04 -14.49 -2.63
C ASP A 139 -8.73 -15.76 -2.15
N PRO A 140 -9.94 -16.05 -2.62
CA PRO A 140 -10.70 -17.17 -2.06
C PRO A 140 -10.37 -18.52 -2.70
N ASP A 141 -9.37 -18.60 -3.59
CA ASP A 141 -8.96 -19.92 -4.13
C ASP A 141 -8.28 -20.75 -3.00
N ALA A 142 -7.93 -21.99 -3.29
CA ALA A 142 -7.38 -22.96 -2.31
C ALA A 142 -5.85 -22.97 -2.44
N GLY A 143 -5.18 -23.22 -1.30
CA GLY A 143 -3.72 -23.44 -1.23
C GLY A 143 -3.01 -22.27 -1.89
N SER A 144 -1.99 -22.54 -2.71
CA SER A 144 -1.13 -21.53 -3.39
C SER A 144 -1.99 -20.50 -4.17
N ASN A 145 -3.00 -21.00 -4.88
CA ASN A 145 -3.94 -20.18 -5.71
C ASN A 145 -4.59 -19.09 -4.86
N GLY A 146 -4.64 -19.29 -3.54
CA GLY A 146 -5.26 -18.33 -2.61
C GLY A 146 -4.29 -17.62 -1.69
N GLN A 147 -3.01 -17.96 -1.71
CA GLN A 147 -2.03 -17.24 -0.84
C GLN A 147 -1.64 -15.91 -1.49
N VAL A 148 -1.57 -14.80 -0.75
CA VAL A 148 -1.26 -13.48 -1.33
C VAL A 148 0.15 -13.05 -0.94
N VAL A 149 0.92 -12.49 -1.88
CA VAL A 149 2.24 -11.87 -1.54
C VAL A 149 2.25 -10.45 -2.14
N PHE A 150 2.76 -9.48 -1.40
CA PHE A 150 2.75 -8.05 -1.80
C PHE A 150 4.11 -7.65 -2.34
N SER A 151 4.09 -6.70 -3.27
CA SER A 151 5.30 -6.02 -3.79
C SER A 151 4.99 -4.56 -4.14
N LEU A 152 6.03 -3.73 -4.22
CA LEU A 152 5.90 -2.33 -4.64
C LEU A 152 6.35 -2.29 -6.12
N ALA A 153 5.44 -2.38 -7.08
CA ALA A 153 5.82 -2.64 -8.49
C ALA A 153 6.36 -1.35 -9.14
N SER A 154 5.93 -0.18 -8.72
CA SER A 154 6.45 1.08 -9.32
C SER A 154 6.30 2.24 -8.36
N GLY A 155 7.02 3.35 -8.59
CA GLY A 155 6.96 4.61 -7.81
C GLY A 155 7.83 4.62 -6.55
N ASN A 156 8.48 3.50 -6.24
CA ASN A 156 9.32 3.29 -5.05
C ASN A 156 10.71 3.85 -5.35
N ILE A 157 10.82 5.15 -5.56
CA ILE A 157 12.04 5.86 -6.02
C ILE A 157 13.17 5.58 -5.02
N ALA A 158 14.33 5.11 -5.51
CA ALA A 158 15.60 4.87 -4.80
C ALA A 158 15.40 3.82 -3.70
N GLY A 159 14.39 2.97 -3.83
CA GLY A 159 14.06 1.96 -2.80
C GLY A 159 13.69 2.61 -1.47
N ALA A 160 12.95 3.72 -1.45
CA ALA A 160 12.60 4.40 -0.18
C ALA A 160 11.84 3.45 0.76
N PHE A 161 10.95 2.62 0.22
CA PHE A 161 10.03 1.80 1.05
C PHE A 161 10.22 0.33 0.74
N GLU A 162 9.71 -0.51 1.63
CA GLU A 162 9.64 -1.97 1.37
C GLU A 162 8.33 -2.49 1.98
N ILE A 163 7.77 -3.53 1.39
CA ILE A 163 6.49 -4.13 1.83
C ILE A 163 6.82 -5.57 2.21
N ILE A 164 6.41 -5.97 3.40
CA ILE A 164 6.59 -7.34 3.96
C ILE A 164 5.23 -7.99 4.16
N THR A 165 5.08 -9.22 3.70
CA THR A 165 3.76 -9.88 3.77
C THR A 165 3.70 -10.77 5.01
N SER A 166 2.62 -10.67 5.79
CA SER A 166 2.26 -11.66 6.86
C SER A 166 1.00 -12.43 6.52
N ASN A 167 0.95 -13.71 6.90
CA ASN A 167 -0.33 -14.47 6.99
C ASN A 167 -1.00 -14.54 5.61
N ASP A 168 -0.22 -14.46 4.53
CA ASP A 168 -0.70 -14.55 3.12
C ASP A 168 -1.85 -13.55 2.91
N SER A 169 -1.81 -12.37 3.56
CA SER A 169 -3.01 -11.53 3.83
C SER A 169 -2.70 -10.04 4.07
N ILE A 170 -1.76 -9.73 4.94
CA ILE A 170 -1.43 -8.34 5.32
C ILE A 170 -0.05 -7.95 4.78
N GLY A 171 0.02 -6.76 4.21
CA GLY A 171 1.24 -6.08 3.79
C GLY A 171 1.56 -4.91 4.69
N GLU A 172 2.72 -4.97 5.32
CA GLU A 172 3.24 -3.87 6.15
C GLU A 172 4.23 -3.08 5.29
N VAL A 173 4.06 -1.77 5.20
CA VAL A 173 4.99 -0.89 4.44
C VAL A 173 5.91 -0.23 5.45
N PHE A 174 7.21 -0.36 5.24
CA PHE A 174 8.24 0.22 6.12
C PHE A 174 9.10 1.19 5.33
N VAL A 175 9.66 2.16 6.05
CA VAL A 175 10.76 3.01 5.50
C VAL A 175 11.94 2.07 5.37
N ALA A 176 12.49 1.99 4.16
CA ALA A 176 13.64 1.11 3.81
C ALA A 176 14.91 1.94 3.66
N LYS A 177 14.80 3.19 3.24
CA LYS A 177 15.98 4.09 3.04
C LYS A 177 15.60 5.41 3.65
N PRO A 178 16.59 6.18 4.15
CA PRO A 178 16.28 7.50 4.71
C PRO A 178 15.52 8.36 3.69
N LEU A 179 14.55 9.14 4.16
CA LEU A 179 13.76 10.06 3.33
C LEU A 179 14.40 11.44 3.38
N ASP A 180 14.03 12.28 2.41
CA ASP A 180 14.50 13.69 2.38
C ASP A 180 13.47 14.48 1.57
N ARG A 181 12.63 15.27 2.23
CA ARG A 181 11.59 16.11 1.57
C ARG A 181 12.25 17.06 0.56
N GLU A 182 13.46 17.53 0.83
CA GLU A 182 14.18 18.49 -0.07
C GLU A 182 14.62 17.79 -1.37
N GLU A 183 14.67 16.46 -1.41
CA GLU A 183 14.98 15.69 -2.63
C GLU A 183 13.65 15.26 -3.28
N LEU A 184 12.74 14.67 -2.50
CA LEU A 184 11.51 14.09 -3.05
C LEU A 184 10.43 14.17 -1.98
N ASP A 185 9.35 14.91 -2.26
CA ASP A 185 8.34 15.24 -1.22
C ASP A 185 7.10 14.40 -1.40
N HIS A 186 7.08 13.48 -2.36
CA HIS A 186 5.93 12.56 -2.52
C HIS A 186 6.28 11.33 -3.34
N TYR A 187 5.50 10.26 -3.11
CA TYR A 187 5.61 8.96 -3.80
C TYR A 187 4.21 8.57 -4.24
N ILE A 188 4.09 7.89 -5.37
CA ILE A 188 2.87 7.19 -5.82
C ILE A 188 3.24 5.70 -5.92
N LEU A 189 2.99 4.97 -4.86
CA LEU A 189 3.45 3.56 -4.84
C LEU A 189 2.35 2.73 -5.49
N LYS A 190 2.74 1.90 -6.43
CA LYS A 190 1.82 0.88 -7.00
C LYS A 190 2.07 -0.42 -6.22
N VAL A 191 1.16 -0.72 -5.32
CA VAL A 191 1.23 -1.92 -4.48
C VAL A 191 0.59 -3.02 -5.30
N VAL A 192 1.23 -4.16 -5.41
CA VAL A 192 0.66 -5.29 -6.20
C VAL A 192 0.44 -6.43 -5.23
N ALA A 193 -0.78 -6.97 -5.25
CA ALA A 193 -1.09 -8.25 -4.55
C ALA A 193 -1.08 -9.34 -5.62
N SER A 194 -0.16 -10.28 -5.46
CA SER A 194 -0.09 -11.46 -6.31
C SER A 194 -0.55 -12.69 -5.51
N ASP A 195 -1.28 -13.60 -6.14
CA ASP A 195 -1.44 -14.95 -5.56
C ASP A 195 -0.20 -15.78 -5.89
N ARG A 196 -0.15 -17.03 -5.47
CA ARG A 196 0.98 -17.93 -5.78
C ARG A 196 0.49 -19.00 -6.74
N GLY A 197 -0.48 -18.66 -7.56
CA GLY A 197 -0.85 -19.53 -8.66
C GLY A 197 0.32 -19.67 -9.61
N THR A 198 0.28 -20.71 -10.42
CA THR A 198 1.27 -20.93 -11.52
C THR A 198 0.46 -20.98 -12.81
N PRO A 199 0.33 -19.90 -13.61
CA PRO A 199 0.92 -18.59 -13.36
C PRO A 199 0.08 -17.71 -12.44
N PRO A 200 0.71 -16.72 -11.78
CA PRO A 200 -0.01 -16.00 -10.75
C PRO A 200 -1.01 -14.98 -11.30
N ARG A 201 -1.99 -14.70 -10.47
CA ARG A 201 -2.95 -13.61 -10.77
C ARG A 201 -2.63 -12.42 -9.87
N LYS A 202 -2.77 -11.20 -10.38
CA LYS A 202 -2.33 -9.97 -9.68
C LYS A 202 -3.36 -8.83 -9.71
N LYS A 203 -3.35 -8.00 -8.69
CA LYS A 203 -4.22 -6.80 -8.64
C LYS A 203 -3.38 -5.67 -8.07
N ASP A 204 -3.56 -4.47 -8.57
CA ASP A 204 -2.77 -3.33 -8.06
C ASP A 204 -3.65 -2.40 -7.22
N HIS A 205 -2.98 -1.64 -6.36
CA HIS A 205 -3.58 -0.69 -5.41
C HIS A 205 -2.64 0.49 -5.31
N ILE A 206 -3.16 1.72 -5.34
CA ILE A 206 -2.28 2.92 -5.23
C ILE A 206 -2.22 3.39 -3.77
N LEU A 207 -0.99 3.58 -3.30
CA LEU A 207 -0.72 4.23 -2.01
C LEU A 207 0.06 5.52 -2.28
N GLN A 208 -0.56 6.66 -1.93
CA GLN A 208 0.03 7.99 -2.09
C GLN A 208 0.75 8.30 -0.78
N VAL A 209 2.01 8.72 -0.88
CA VAL A 209 2.81 9.11 0.31
C VAL A 209 3.16 10.60 0.16
N THR A 210 2.75 11.42 1.08
CA THR A 210 3.25 12.82 1.20
C THR A 210 4.37 12.84 2.25
N ILE A 211 5.48 13.47 1.92
CA ILE A 211 6.62 13.63 2.86
C ILE A 211 6.49 14.99 3.56
N LEU A 212 6.38 14.98 4.89
CA LEU A 212 6.27 16.24 5.68
C LEU A 212 7.66 16.77 6.02
N ASP A 213 7.72 18.11 6.09
CA ASP A 213 9.00 18.81 6.32
C ASP A 213 9.43 18.67 7.77
N VAL A 214 10.73 18.51 7.97
CA VAL A 214 11.41 18.70 9.27
C VAL A 214 12.38 19.89 9.07
N ASN A 215 12.65 20.63 10.16
CA ASN A 215 13.61 21.74 10.12
C ASN A 215 15.01 21.15 10.14
N ASP A 216 15.53 20.77 8.99
CA ASP A 216 16.85 20.10 8.96
C ASP A 216 17.85 20.85 8.06
N ASN A 217 17.51 22.06 7.61
CA ASN A 217 18.42 22.96 6.85
C ASN A 217 18.56 24.31 7.55
N PRO A 218 19.81 24.73 7.82
CA PRO A 218 20.09 26.00 8.45
C PRO A 218 19.94 27.12 7.43
N PRO A 219 19.78 28.36 7.90
CA PRO A 219 19.96 29.52 7.04
C PRO A 219 21.37 29.45 6.46
N VAL A 220 21.51 29.88 5.21
CA VAL A 220 22.82 30.00 4.54
C VAL A 220 22.99 31.46 4.13
N ILE A 221 24.07 32.11 4.54
CA ILE A 221 24.28 33.56 4.24
C ILE A 221 24.68 33.66 2.76
N GLU A 222 24.05 34.56 2.01
CA GLU A 222 24.33 34.70 0.56
C GLU A 222 25.77 35.14 0.30
N SER A 223 26.38 36.01 1.11
CA SER A 223 27.81 36.36 0.94
C SER A 223 28.64 35.43 1.81
N PRO A 224 29.44 34.53 1.20
CA PRO A 224 30.23 33.55 1.94
C PRO A 224 31.27 34.19 2.88
N PHE A 225 31.73 35.42 2.59
CA PHE A 225 32.84 36.03 3.35
C PHE A 225 32.31 37.21 4.17
N GLY A 226 30.99 37.33 4.37
CA GLY A 226 30.38 38.48 5.07
C GLY A 226 30.38 39.74 4.23
N TYR A 227 30.32 40.89 4.90
CA TYR A 227 30.02 42.18 4.26
C TYR A 227 31.07 43.20 4.70
N ASN A 228 31.57 43.98 3.74
CA ASN A 228 32.58 45.04 3.96
C ASN A 228 32.06 46.34 3.34
N VAL A 229 31.64 47.33 4.12
CA VAL A 229 30.90 48.52 3.58
C VAL A 229 31.46 49.81 4.17
N SER A 230 31.32 50.93 3.43
CA SER A 230 31.65 52.33 3.82
C SER A 230 30.38 53.19 3.82
N VAL A 231 30.08 53.84 4.94
CA VAL A 231 28.94 54.79 5.06
C VAL A 231 29.48 56.21 5.31
N ASN A 232 28.75 57.22 4.86
CA ASN A 232 29.06 58.66 5.10
C ASN A 232 27.75 59.41 5.33
N GLU A 233 26.89 58.90 6.22
CA GLU A 233 25.54 59.46 6.50
C GLU A 233 25.62 60.99 6.64
N GLY A 237 21.49 59.83 10.03
CA GLY A 237 20.14 59.70 10.61
C GLY A 237 19.25 58.82 9.77
N GLY A 238 19.23 57.50 10.04
CA GLY A 238 18.36 56.52 9.36
C GLY A 238 18.91 56.06 8.02
N THR A 239 20.20 56.20 7.75
CA THR A 239 20.81 55.85 6.42
C THR A 239 21.13 54.34 6.34
N SER A 240 20.56 53.66 5.34
CA SER A 240 20.74 52.21 5.11
C SER A 240 22.23 51.91 4.91
N VAL A 241 22.76 50.85 5.52
CA VAL A 241 24.23 50.57 5.38
C VAL A 241 24.41 49.32 4.55
N VAL A 242 23.65 48.24 4.80
CA VAL A 242 23.80 46.99 3.99
C VAL A 242 22.59 46.13 4.27
N GLN A 243 22.26 45.25 3.33
CA GLN A 243 21.21 44.23 3.55
C GLN A 243 21.88 42.86 3.60
N VAL A 244 21.77 42.22 4.76
CA VAL A 244 22.21 40.82 4.91
C VAL A 244 21.08 39.94 4.35
N ARG A 245 21.44 38.96 3.54
CA ARG A 245 20.43 38.04 2.96
C ARG A 245 20.85 36.60 3.22
N ALA A 246 19.90 35.71 3.43
CA ALA A 246 20.19 34.28 3.67
C ALA A 246 19.08 33.49 3.00
N THR A 247 19.31 32.22 2.70
CA THR A 247 18.21 31.37 2.18
C THR A 247 18.10 30.15 3.09
N ASP A 248 17.06 29.35 2.89
CA ASP A 248 16.83 28.17 3.74
C ASP A 248 16.05 27.17 2.90
N ARG A 249 16.54 25.95 2.83
CA ARG A 249 15.99 24.90 1.94
C ARG A 249 14.70 24.29 2.46
N ASP A 250 14.27 24.58 3.69
CA ASP A 250 13.06 23.95 4.25
C ASP A 250 11.87 24.73 3.71
N ILE A 251 10.66 24.52 4.26
CA ILE A 251 9.45 25.21 3.78
C ILE A 251 8.65 25.73 4.98
N GLY A 252 7.65 26.57 4.71
CA GLY A 252 6.75 27.09 5.77
C GLY A 252 7.58 27.81 6.83
N ILE A 253 7.29 27.59 8.12
CA ILE A 253 8.01 28.29 9.23
C ILE A 253 9.46 27.82 9.32
N ASN A 254 9.80 26.64 8.80
CA ASN A 254 11.18 26.11 8.89
C ASN A 254 12.11 26.95 8.01
N SER A 255 11.59 27.81 7.13
CA SER A 255 12.45 28.66 6.28
C SER A 255 12.18 30.15 6.46
N VAL A 256 11.37 30.52 7.45
CA VAL A 256 11.13 31.95 7.85
C VAL A 256 12.33 32.38 8.69
N LEU A 257 13.01 33.44 8.25
CA LEU A 257 14.30 33.85 8.86
C LEU A 257 14.14 35.11 9.71
N SER A 258 14.88 35.16 10.81
CA SER A 258 15.10 36.38 11.65
C SER A 258 16.58 36.74 11.62
N TYR A 259 16.83 38.04 11.46
CA TYR A 259 18.16 38.66 11.36
C TYR A 259 18.36 39.53 12.60
N TYR A 260 19.47 39.33 13.29
CA TYR A 260 19.83 40.12 14.50
C TYR A 260 21.28 40.53 14.42
N ILE A 261 21.59 41.71 14.95
CA ILE A 261 23.00 42.09 15.27
C ILE A 261 23.21 41.58 16.70
N THR A 262 24.13 40.66 16.92
CA THR A 262 24.31 40.08 18.28
C THR A 262 25.53 40.66 18.99
N GLU A 263 26.48 41.29 18.29
CA GLU A 263 27.72 41.86 18.90
C GLU A 263 28.19 43.06 18.09
N GLY A 264 28.97 43.94 18.75
CA GLY A 264 29.64 45.08 18.13
C GLY A 264 28.76 46.32 18.04
N ASN A 265 27.53 46.30 18.56
CA ASN A 265 26.62 47.47 18.44
C ASN A 265 26.30 48.05 19.82
N GLU A 266 27.23 47.90 20.77
CA GLU A 266 27.06 48.43 22.16
C GLU A 266 26.80 49.95 22.16
N ASP A 267 27.33 50.74 21.22
CA ASP A 267 27.09 52.22 21.25
C ASP A 267 25.79 52.55 20.51
N MET A 268 25.05 51.54 20.04
CA MET A 268 23.69 51.70 19.47
C MET A 268 23.74 52.55 18.19
N THR A 269 24.83 52.54 17.42
CA THR A 269 24.91 53.28 16.12
C THR A 269 23.92 52.66 15.10
N PHE A 270 23.65 51.35 15.15
CA PHE A 270 22.96 50.63 14.04
C PHE A 270 21.64 50.06 14.51
N ARG A 271 20.74 49.81 13.55
CA ARG A 271 19.49 49.02 13.74
C ARG A 271 19.44 47.95 12.68
N MET A 272 18.96 46.74 13.00
CA MET A 272 18.74 45.72 11.95
C MET A 272 17.26 45.38 11.94
N ASP A 273 16.64 45.47 10.78
CA ASP A 273 15.23 45.03 10.63
C ASP A 273 15.21 43.49 10.71
N ARG A 274 14.46 42.90 11.65
CA ARG A 274 14.41 41.44 11.94
C ARG A 274 14.00 40.68 10.67
N ILE A 275 13.09 41.23 9.88
CA ILE A 275 12.45 40.50 8.75
C ILE A 275 13.25 40.68 7.48
N SER A 276 13.71 41.89 7.16
CA SER A 276 14.34 42.20 5.86
C SER A 276 15.85 41.98 5.88
N GLY A 277 16.47 42.07 7.08
CA GLY A 277 17.94 41.98 7.25
C GLY A 277 18.65 43.27 6.86
N GLU A 278 17.90 44.36 6.69
CA GLU A 278 18.49 45.68 6.35
C GLU A 278 19.11 46.26 7.64
N ILE A 279 20.36 46.70 7.54
CA ILE A 279 21.04 47.44 8.64
C ILE A 279 21.02 48.93 8.25
N ALA A 280 20.58 49.79 9.18
CA ALA A 280 20.57 51.26 9.04
C ALA A 280 21.32 51.89 10.23
N THR A 281 21.74 53.14 10.12
CA THR A 281 22.19 53.96 11.29
C THR A 281 20.93 54.42 12.03
N ARG A 282 20.96 54.46 13.37
CA ARG A 282 19.82 54.95 14.21
C ARG A 282 19.67 56.46 14.03
N PRO A 283 18.42 56.99 13.93
CA PRO A 283 18.14 58.43 13.89
C PRO A 283 19.06 59.36 14.67
N ALA A 284 19.38 59.04 15.93
CA ALA A 284 20.46 59.65 16.74
C ALA A 284 20.41 61.18 16.63
N ARG A 290 30.22 57.41 16.05
CA ARG A 290 31.39 58.04 16.70
C ARG A 290 32.66 57.30 16.25
N GLN A 291 32.72 55.97 16.33
CA GLN A 291 33.90 55.16 15.88
C GLN A 291 34.07 55.34 14.36
N ASN A 292 35.30 55.20 13.86
CA ASN A 292 35.61 55.17 12.40
C ASN A 292 35.32 53.77 11.84
N PHE A 293 35.24 52.76 12.72
CA PHE A 293 35.12 51.33 12.32
C PHE A 293 34.27 50.54 13.32
N TYR A 294 33.43 49.65 12.78
CA TYR A 294 32.54 48.76 13.55
C TYR A 294 32.66 47.37 12.96
N HIS A 295 32.76 46.38 13.84
CA HIS A 295 32.68 44.95 13.52
C HIS A 295 31.41 44.42 14.17
N LEU A 296 30.36 44.28 13.35
CA LEU A 296 29.07 43.72 13.80
C LEU A 296 29.10 42.22 13.53
N VAL A 297 28.57 41.47 14.48
CA VAL A 297 28.28 40.03 14.30
C VAL A 297 26.77 39.93 14.13
N VAL A 298 26.34 39.20 13.11
CA VAL A 298 24.91 39.05 12.76
C VAL A 298 24.58 37.56 12.86
N THR A 299 23.49 37.26 13.53
CA THR A 299 22.91 35.91 13.66
C THR A 299 21.64 35.89 12.83
N VAL A 300 21.54 34.85 12.01
CA VAL A 300 20.29 34.59 11.27
C VAL A 300 19.74 33.28 11.83
N GLU A 301 18.49 33.33 12.27
CA GLU A 301 17.78 32.16 12.82
C GLU A 301 16.58 31.85 11.96
N ASP A 302 16.27 30.57 11.77
CA ASP A 302 14.95 30.19 11.20
C ASP A 302 13.95 30.06 12.35
N GLU A 303 12.68 29.88 12.05
CA GLU A 303 11.60 29.81 13.08
C GLU A 303 11.10 28.38 13.29
N GLY A 304 11.81 27.36 12.83
CA GLY A 304 11.44 25.93 13.04
C GLY A 304 11.97 25.36 14.35
N THR A 305 11.85 24.04 14.56
CA THR A 305 12.40 23.36 15.77
C THR A 305 13.17 22.10 15.35
N PRO A 306 14.40 21.89 15.86
CA PRO A 306 15.08 22.89 16.69
C PRO A 306 15.43 24.14 15.82
N THR A 307 15.60 25.29 16.46
CA THR A 307 16.10 26.55 15.83
C THR A 307 17.43 26.24 15.18
N LEU A 308 17.61 26.56 13.90
CA LEU A 308 18.93 26.48 13.25
C LEU A 308 19.37 27.90 12.91
N SER A 309 20.68 28.14 12.85
CA SER A 309 21.14 29.52 12.64
C SER A 309 22.46 29.54 11.87
N ALA A 310 22.83 30.70 11.36
CA ALA A 310 24.14 30.98 10.77
C ALA A 310 24.64 32.33 11.31
N THR A 311 25.95 32.48 11.28
CA THR A 311 26.65 33.72 11.69
C THR A 311 27.35 34.35 10.48
N THR A 312 27.34 35.67 10.43
CA THR A 312 28.10 36.43 9.44
C THR A 312 28.68 37.68 10.11
N HIS A 313 29.67 38.28 9.45
CA HIS A 313 30.41 39.45 9.95
C HIS A 313 30.14 40.60 9.00
N VAL A 314 29.82 41.76 9.54
CA VAL A 314 29.58 43.03 8.83
C VAL A 314 30.59 44.06 9.34
N TYR A 315 31.55 44.42 8.48
CA TYR A 315 32.64 45.37 8.78
C TYR A 315 32.27 46.72 8.19
N VAL A 316 32.01 47.72 9.04
CA VAL A 316 31.46 49.04 8.60
C VAL A 316 32.52 50.11 8.86
N THR A 317 33.02 50.74 7.79
CA THR A 317 33.88 51.95 7.85
C THR A 317 33.00 53.18 7.63
N ILE A 318 33.15 54.20 8.47
CA ILE A 318 32.50 55.52 8.29
C ILE A 318 33.51 56.54 7.75
#